data_9H8I
#
_entry.id   9H8I
#
_cell.length_a   82.586
_cell.length_b   82.586
_cell.length_c   171.088
_cell.angle_alpha   90.000
_cell.angle_beta   90.000
_cell.angle_gamma   90.000
#
_symmetry.space_group_name_H-M   'P 41 21 2'
#
loop_
_entity.id
_entity.type
_entity.pdbx_description
1 polymer 'Endolevansase LevB1'
2 non-polymer 'CALCIUM ION'
3 non-polymer BICINE
4 non-polymer 1,2-ETHANEDIOL
5 water water
#
_entity_poly.entity_id   1
_entity_poly.type   'polypeptide(L)'
_entity_poly.pdbx_seq_one_letter_code
;EKKGESPETPEYRAAFHLTTPDKWKNDPQKPVYFNGKYHYYYLYNRDYPDGNGTEWRHAVSDDLVHWQDQGVAIPKYTNK
NGDPWSGSVVVDSQNTAGFGKGAIVAIMTQPSANDGKEEQFLWYSQNGGKTFKPYGEEPVLPNPDTVDFRDPKVIWDEED
DKWVMALAEGTKIGFYESQNLKEWRYTSSFQTENIGIIECPDLFKMRADDGTYKWVLGASANGKGAGKPNTYAYWTGSFN
GNEFTADEAEPQWLDHGFDWYAGVTFEDGETDSSYEKRYALAWMNNWDYANRTPTWKDNFNGTDSIVRQIQLKHKGGNQY
SLASHPIDQLDELTESTDEFERIEVNGSKTLQIKANTYQLEADISWADLKNVGFRLRESADRKRHIDVGISAEGGYSFVN
RGFTGQPDSTRTYLESKAPFDPEKKRVHFTIIVDQNTVEAFIDDGETTHSNLAFPDLNDTGITLFTENGTAVFENLKIKH
LRSIRD
;
_entity_poly.pdbx_strand_id   A
#
loop_
_chem_comp.id
_chem_comp.type
_chem_comp.name
_chem_comp.formula
BCN non-polymer BICINE 'C6 H13 N O4'
CA non-polymer 'CALCIUM ION' 'Ca 2'
EDO non-polymer 1,2-ETHANEDIOL 'C2 H6 O2'
#
# COMPACT_ATOMS: atom_id res chain seq x y z
N ASN A 26 3.89 3.81 14.09
CA ASN A 26 3.33 4.88 14.97
C ASN A 26 2.92 6.10 14.11
N ASP A 27 3.80 6.60 13.21
CA ASP A 27 3.47 7.71 12.33
C ASP A 27 3.37 7.24 10.87
N PRO A 28 2.15 7.25 10.26
CA PRO A 28 1.98 6.95 8.82
C PRO A 28 2.76 7.92 7.92
N GLN A 29 3.50 7.39 6.93
CA GLN A 29 4.29 8.18 6.00
C GLN A 29 3.61 8.25 4.63
N LYS A 30 3.51 9.45 4.01
CA LYS A 30 2.99 9.54 2.65
C LYS A 30 4.01 10.24 1.73
N PRO A 31 5.02 9.50 1.23
CA PRO A 31 6.20 10.09 0.61
C PRO A 31 5.95 10.76 -0.73
N VAL A 32 6.79 11.78 -1.04
CA VAL A 32 6.76 12.45 -2.33
C VAL A 32 8.18 12.85 -2.71
N TYR A 33 8.57 12.65 -3.97
CA TYR A 33 9.90 12.98 -4.44
C TYR A 33 9.89 14.38 -5.04
N PHE A 34 10.77 15.24 -4.54
CA PHE A 34 11.04 16.49 -5.23
C PHE A 34 12.40 17.03 -4.78
N ASN A 35 13.02 17.77 -5.70
CA ASN A 35 14.28 18.45 -5.45
C ASN A 35 15.31 17.49 -4.89
N GLY A 36 15.45 16.33 -5.53
CA GLY A 36 16.55 15.42 -5.28
C GLY A 36 16.37 14.48 -4.08
N LYS A 37 15.26 14.55 -3.34
CA LYS A 37 15.07 13.70 -2.17
C LYS A 37 13.60 13.28 -2.05
N TYR A 38 13.34 12.26 -1.22
CA TYR A 38 11.98 11.89 -0.81
C TYR A 38 11.66 12.65 0.47
N HIS A 39 10.41 13.11 0.58
CA HIS A 39 9.93 13.88 1.69
C HIS A 39 8.64 13.27 2.22
N TYR A 40 8.42 13.36 3.52
CA TYR A 40 7.06 13.27 3.98
C TYR A 40 6.85 14.25 5.12
N TYR A 41 5.59 14.61 5.26
CA TYR A 41 5.11 15.50 6.29
C TYR A 41 4.11 14.73 7.15
N TYR A 42 4.03 15.09 8.43
CA TYR A 42 3.19 14.37 9.38
C TYR A 42 2.78 15.32 10.49
N LEU A 43 1.54 15.13 10.97
CA LEU A 43 0.98 15.88 12.08
C LEU A 43 1.65 15.41 13.36
N TYR A 44 1.94 16.34 14.25
CA TYR A 44 2.51 16.03 15.56
C TYR A 44 1.98 17.05 16.58
N ASN A 45 1.30 16.56 17.62
CA ASN A 45 0.54 17.39 18.54
C ASN A 45 1.47 17.98 19.62
N THR A 54 -1.75 19.63 15.39
CA THR A 54 -1.02 20.66 16.17
C THR A 54 0.03 21.32 15.26
N GLU A 55 1.13 20.63 14.96
CA GLU A 55 2.15 21.15 14.04
C GLU A 55 2.47 20.14 12.94
N TRP A 56 2.88 20.65 11.77
CA TRP A 56 3.23 19.79 10.64
C TRP A 56 4.74 19.62 10.59
N ARG A 57 5.23 18.39 10.74
CA ARG A 57 6.66 18.10 10.72
C ARG A 57 7.07 17.52 9.38
N HIS A 58 8.38 17.53 9.12
CA HIS A 58 8.95 17.27 7.81
C HIS A 58 10.13 16.30 7.96
N ALA A 59 10.11 15.21 7.19
CA ALA A 59 11.22 14.27 7.16
C ALA A 59 11.66 14.02 5.72
N VAL A 60 12.93 13.66 5.56
CA VAL A 60 13.56 13.54 4.25
C VAL A 60 14.35 12.24 4.19
N SER A 61 14.56 11.72 2.97
CA SER A 61 15.24 10.45 2.76
C SER A 61 15.80 10.36 1.35
N ASP A 62 16.99 9.76 1.25
CA ASP A 62 17.60 9.45 -0.03
C ASP A 62 17.29 8.04 -0.50
N ASP A 63 16.99 7.12 0.42
CA ASP A 63 16.95 5.71 0.06
C ASP A 63 15.63 5.05 0.42
N LEU A 64 14.79 5.78 1.16
CA LEU A 64 13.58 5.26 1.76
C LEU A 64 13.97 4.23 2.83
N VAL A 65 15.07 4.48 3.55
CA VAL A 65 15.48 3.70 4.72
C VAL A 65 15.59 4.64 5.90
N HIS A 66 16.58 5.55 5.81
CA HIS A 66 16.94 6.46 6.87
C HIS A 66 16.21 7.78 6.61
N TRP A 67 15.11 7.97 7.32
CA TRP A 67 14.40 9.25 7.35
C TRP A 67 15.01 10.14 8.42
N GLN A 68 15.31 11.39 8.06
CA GLN A 68 15.86 12.40 8.95
C GLN A 68 14.85 13.54 9.09
N ASP A 69 14.37 13.78 10.32
CA ASP A 69 13.44 14.89 10.57
C ASP A 69 14.20 16.20 10.35
N GLN A 70 13.54 17.16 9.69
CA GLN A 70 14.12 18.43 9.30
C GLN A 70 13.44 19.61 10.03
N GLY A 71 12.47 19.32 10.90
CA GLY A 71 11.87 20.35 11.72
C GLY A 71 10.40 20.59 11.38
N VAL A 72 9.91 21.78 11.75
CA VAL A 72 8.51 22.14 11.66
C VAL A 72 8.31 22.85 10.32
N ALA A 73 7.32 22.39 9.53
CA ALA A 73 7.06 23.04 8.26
C ALA A 73 5.89 24.02 8.38
N ILE A 74 4.96 23.74 9.30
CA ILE A 74 3.86 24.63 9.61
C ILE A 74 3.77 24.67 11.13
N PRO A 75 4.04 25.82 11.77
CA PRO A 75 3.98 25.91 13.24
C PRO A 75 2.61 25.63 13.88
N LYS A 76 1.51 26.02 13.22
CA LYS A 76 0.19 25.74 13.76
C LYS A 76 -0.78 25.31 12.65
N TYR A 77 -1.32 24.10 12.79
CA TYR A 77 -2.20 23.50 11.79
C TYR A 77 -3.50 23.07 12.48
N THR A 78 -4.65 23.55 11.95
CA THR A 78 -5.96 23.23 12.49
C THR A 78 -6.39 21.81 12.06
N PRO A 84 -5.44 11.82 10.72
CA PRO A 84 -4.19 12.00 9.98
C PRO A 84 -4.39 13.13 8.98
N TRP A 85 -3.29 13.74 8.55
CA TRP A 85 -3.44 14.82 7.57
C TRP A 85 -3.86 14.19 6.23
N SER A 86 -4.57 14.98 5.44
CA SER A 86 -5.27 14.49 4.25
C SER A 86 -4.94 15.44 3.09
N GLY A 87 -4.32 14.94 2.03
CA GLY A 87 -4.14 15.73 0.81
C GLY A 87 -2.90 15.35 0.02
N SER A 88 -2.38 16.29 -0.78
CA SER A 88 -1.25 16.00 -1.64
C SER A 88 -0.35 17.23 -1.78
N VAL A 89 0.90 16.93 -2.12
CA VAL A 89 1.95 17.93 -2.28
C VAL A 89 2.46 17.81 -3.71
N VAL A 90 2.57 18.94 -4.43
CA VAL A 90 3.02 18.94 -5.81
C VAL A 90 4.10 20.02 -6.01
N VAL A 91 4.79 19.90 -7.12
CA VAL A 91 5.80 20.88 -7.50
C VAL A 91 5.23 21.66 -8.66
N ASP A 92 5.11 22.97 -8.50
CA ASP A 92 4.57 23.78 -9.58
C ASP A 92 5.71 24.28 -10.46
N SER A 93 6.27 23.40 -11.28
CA SER A 93 7.50 23.66 -12.03
C SER A 93 7.37 24.88 -12.95
N GLN A 94 6.19 25.09 -13.55
CA GLN A 94 6.05 26.10 -14.59
C GLN A 94 5.32 27.34 -14.08
N ASN A 95 5.21 27.50 -12.76
CA ASN A 95 4.63 28.67 -12.11
C ASN A 95 3.20 28.92 -12.56
N THR A 96 2.36 27.88 -12.55
CA THR A 96 0.98 28.08 -12.94
C THR A 96 0.24 28.83 -11.84
N ALA A 97 0.70 28.71 -10.59
CA ALA A 97 -0.06 29.20 -9.46
C ALA A 97 0.36 30.60 -9.02
N GLY A 98 1.47 31.08 -9.59
CA GLY A 98 1.94 32.44 -9.26
C GLY A 98 2.86 32.55 -8.04
N PHE A 99 3.36 31.44 -7.48
CA PHE A 99 4.28 31.46 -6.35
C PHE A 99 5.72 31.34 -6.82
N GLY A 100 5.95 31.24 -8.15
CA GLY A 100 7.29 31.02 -8.66
C GLY A 100 7.52 29.62 -9.21
N LYS A 101 8.41 29.54 -10.19
CA LYS A 101 8.77 28.27 -10.80
C LYS A 101 9.34 27.36 -9.72
N GLY A 102 8.78 26.15 -9.55
CA GLY A 102 9.34 25.22 -8.58
C GLY A 102 8.82 25.38 -7.16
N ALA A 103 7.82 26.26 -6.93
CA ALA A 103 7.17 26.35 -5.64
C ALA A 103 6.53 25.00 -5.29
N ILE A 104 6.47 24.67 -4.01
CA ILE A 104 5.87 23.43 -3.53
C ILE A 104 4.50 23.81 -3.01
N VAL A 105 3.42 23.15 -3.50
CA VAL A 105 2.07 23.51 -3.10
C VAL A 105 1.39 22.27 -2.50
N ALA A 106 0.79 22.44 -1.32
CA ALA A 106 -0.01 21.40 -0.67
C ALA A 106 -1.48 21.78 -0.73
N ILE A 107 -2.31 20.84 -1.20
CA ILE A 107 -3.74 20.97 -1.12
C ILE A 107 -4.23 19.99 -0.08
N MET A 108 -4.88 20.50 0.97
CA MET A 108 -5.14 19.69 2.15
C MET A 108 -6.59 19.80 2.58
N THR A 109 -7.15 18.68 3.10
CA THR A 109 -8.45 18.73 3.66
C THR A 109 -8.37 19.23 5.08
N GLN A 110 -9.19 20.23 5.42
CA GLN A 110 -9.35 20.71 6.78
C GLN A 110 -10.82 21.01 7.06
N PRO A 111 -11.22 21.07 8.34
CA PRO A 111 -12.58 21.50 8.70
C PRO A 111 -12.85 22.98 8.42
N SER A 112 -14.01 23.28 7.85
CA SER A 112 -14.41 24.66 7.59
C SER A 112 -14.54 25.42 8.91
N ALA A 113 -14.17 26.71 8.91
CA ALA A 113 -14.34 27.54 10.10
C ALA A 113 -15.82 27.71 10.46
N ASN A 114 -16.73 27.65 9.48
CA ASN A 114 -18.15 27.86 9.72
C ASN A 114 -18.81 26.64 10.36
N ASP A 115 -18.79 25.50 9.65
CA ASP A 115 -19.62 24.33 9.97
C ASP A 115 -18.76 23.10 10.26
N GLY A 116 -17.43 23.23 10.14
CA GLY A 116 -16.52 22.11 10.38
C GLY A 116 -16.54 21.08 9.25
N LYS A 117 -17.16 21.39 8.11
CA LYS A 117 -17.30 20.42 7.04
C LYS A 117 -15.97 20.28 6.31
N GLU A 118 -15.67 19.09 5.78
CA GLU A 118 -14.42 18.89 5.06
C GLU A 118 -14.33 19.78 3.83
N GLU A 119 -13.21 20.51 3.68
CA GLU A 119 -12.98 21.26 2.45
C GLU A 119 -11.49 21.41 2.22
N GLN A 120 -11.12 21.90 1.01
CA GLN A 120 -9.76 21.83 0.54
C GLN A 120 -9.11 23.21 0.58
N PHE A 121 -7.95 23.28 1.24
CA PHE A 121 -7.21 24.54 1.44
C PHE A 121 -5.83 24.44 0.81
N LEU A 122 -5.34 25.58 0.29
CA LEU A 122 -4.01 25.61 -0.31
C LEU A 122 -2.97 26.24 0.63
N TRP A 123 -1.80 25.61 0.67
CA TRP A 123 -0.61 26.04 1.40
C TRP A 123 0.55 26.05 0.41
N TYR A 124 1.48 26.99 0.54
CA TYR A 124 2.56 27.07 -0.44
C TYR A 124 3.91 27.30 0.25
N SER A 125 4.95 26.80 -0.40
CA SER A 125 6.32 26.96 0.04
C SER A 125 7.17 27.49 -1.10
N GLN A 126 7.98 28.53 -0.79
CA GLN A 126 8.87 29.11 -1.77
C GLN A 126 10.31 28.87 -1.37
N ASN A 127 10.55 27.97 -0.41
CA ASN A 127 11.87 27.63 0.08
C ASN A 127 12.11 26.12 -0.03
N GLY A 128 11.57 25.50 -1.09
CA GLY A 128 11.85 24.11 -1.38
C GLY A 128 11.17 23.14 -0.41
N GLY A 129 10.08 23.55 0.23
CA GLY A 129 9.32 22.66 1.10
C GLY A 129 9.80 22.67 2.55
N LYS A 130 10.64 23.65 2.92
CA LYS A 130 11.06 23.81 4.30
C LYS A 130 9.91 24.27 5.18
N THR A 131 9.19 25.33 4.74
CA THR A 131 8.05 25.84 5.46
C THR A 131 6.98 26.26 4.47
N PHE A 132 5.73 26.26 4.96
CA PHE A 132 4.56 26.56 4.17
C PHE A 132 3.73 27.67 4.85
N LYS A 133 3.10 28.47 3.99
CA LYS A 133 2.12 29.43 4.45
C LYS A 133 0.79 29.16 3.80
N PRO A 134 -0.32 29.59 4.42
CA PRO A 134 -1.66 29.42 3.87
C PRO A 134 -1.98 30.48 2.83
N TYR A 135 -2.62 30.04 1.74
CA TYR A 135 -3.14 30.95 0.73
C TYR A 135 -4.48 31.50 1.22
N GLY A 136 -4.48 32.73 1.72
CA GLY A 136 -5.73 33.32 2.21
C GLY A 136 -6.32 32.51 3.36
N GLU A 137 -7.64 32.70 3.59
CA GLU A 137 -8.39 32.05 4.64
C GLU A 137 -9.56 31.22 4.09
N GLU A 138 -9.80 31.26 2.78
CA GLU A 138 -10.95 30.58 2.21
C GLU A 138 -10.46 29.28 1.57
N PRO A 139 -11.29 28.21 1.48
CA PRO A 139 -10.85 26.98 0.79
C PRO A 139 -10.69 27.28 -0.69
N VAL A 140 -9.83 26.55 -1.40
CA VAL A 140 -9.80 26.60 -2.85
C VAL A 140 -10.88 25.69 -3.43
N LEU A 141 -11.40 24.74 -2.64
CA LEU A 141 -12.56 23.98 -3.09
C LEU A 141 -13.47 23.76 -1.89
N PRO A 142 -14.60 24.48 -1.80
CA PRO A 142 -15.45 24.42 -0.62
C PRO A 142 -16.35 23.17 -0.62
N ASN A 143 -16.82 22.84 0.56
CA ASN A 143 -17.70 21.71 0.77
C ASN A 143 -19.06 21.95 0.12
N PRO A 144 -19.59 21.01 -0.69
CA PRO A 144 -20.88 21.21 -1.35
C PRO A 144 -22.07 20.69 -0.52
N ASP A 145 -21.97 20.82 0.80
CA ASP A 145 -22.93 20.31 1.76
C ASP A 145 -22.96 18.77 1.77
N THR A 146 -21.83 18.13 2.05
CA THR A 146 -21.75 16.67 2.10
C THR A 146 -20.85 16.30 3.28
N VAL A 147 -20.99 15.07 3.79
CA VAL A 147 -20.20 14.60 4.90
C VAL A 147 -18.80 14.14 4.45
N ASP A 148 -18.71 13.50 3.28
CA ASP A 148 -17.43 12.94 2.84
C ASP A 148 -16.88 13.76 1.67
N PHE A 149 -15.75 14.45 1.90
CA PHE A 149 -15.22 15.37 0.90
C PHE A 149 -13.74 15.64 1.18
N ARG A 150 -12.87 14.65 0.87
CA ARG A 150 -11.54 14.66 1.48
C ARG A 150 -10.52 13.91 0.61
N ASP A 151 -9.26 14.09 1.01
CA ASP A 151 -8.13 13.36 0.47
C ASP A 151 -7.84 13.73 -0.98
N PRO A 152 -7.60 15.02 -1.29
CA PRO A 152 -7.34 15.39 -2.68
C PRO A 152 -6.01 14.79 -3.11
N LYS A 153 -6.09 14.12 -4.27
CA LYS A 153 -4.93 13.67 -4.99
C LYS A 153 -4.80 14.56 -6.22
N VAL A 154 -3.74 15.38 -6.24
CA VAL A 154 -3.55 16.36 -7.33
C VAL A 154 -2.40 15.92 -8.22
N ILE A 155 -2.66 15.91 -9.52
CA ILE A 155 -1.64 15.58 -10.50
C ILE A 155 -1.63 16.66 -11.58
N TRP A 156 -0.48 16.74 -12.27
CA TRP A 156 -0.37 17.52 -13.49
C TRP A 156 -0.59 16.63 -14.70
N ASP A 157 -1.60 17.00 -15.47
CA ASP A 157 -1.98 16.30 -16.69
C ASP A 157 -1.33 17.06 -17.84
N GLU A 158 -0.17 16.56 -18.26
CA GLU A 158 0.64 17.26 -19.24
C GLU A 158 -0.13 17.37 -20.55
N GLU A 159 -0.86 16.31 -20.93
CA GLU A 159 -1.52 16.27 -22.22
C GLU A 159 -2.61 17.35 -22.33
N ASP A 160 -3.36 17.54 -21.24
CA ASP A 160 -4.45 18.50 -21.16
C ASP A 160 -3.97 19.84 -20.63
N ASP A 161 -2.70 19.89 -20.21
CA ASP A 161 -2.10 21.13 -19.79
C ASP A 161 -2.86 21.74 -18.61
N LYS A 162 -3.12 20.92 -17.56
CA LYS A 162 -3.90 21.40 -16.43
C LYS A 162 -3.66 20.45 -15.26
N TRP A 163 -4.03 20.94 -14.08
CA TRP A 163 -4.07 20.12 -12.88
C TRP A 163 -5.40 19.37 -12.84
N VAL A 164 -5.35 18.17 -12.24
CA VAL A 164 -6.54 17.37 -12.00
C VAL A 164 -6.48 16.94 -10.52
N MET A 165 -7.64 16.99 -9.88
CA MET A 165 -7.78 16.52 -8.49
C MET A 165 -8.77 15.38 -8.48
N ALA A 166 -8.36 14.23 -7.88
CA ALA A 166 -9.30 13.15 -7.53
C ALA A 166 -9.62 13.25 -6.04
N LEU A 167 -10.92 13.22 -5.67
CA LEU A 167 -11.36 13.47 -4.33
C LEU A 167 -12.27 12.32 -3.85
N ALA A 168 -12.09 11.96 -2.58
CA ALA A 168 -12.96 10.94 -1.97
C ALA A 168 -14.28 11.59 -1.56
N GLU A 169 -15.38 11.09 -2.11
CA GLU A 169 -16.70 11.69 -1.92
C GLU A 169 -17.74 10.63 -1.59
N GLY A 170 -17.43 9.80 -0.58
CA GLY A 170 -18.36 8.76 -0.12
C GLY A 170 -18.12 7.47 -0.86
N THR A 171 -19.06 7.11 -1.74
CA THR A 171 -18.84 5.95 -2.59
C THR A 171 -18.38 6.33 -4.00
N LYS A 172 -18.12 7.63 -4.25
CA LYS A 172 -17.68 8.03 -5.58
C LYS A 172 -16.36 8.79 -5.44
N ILE A 173 -15.61 8.82 -6.52
CA ILE A 173 -14.42 9.67 -6.58
C ILE A 173 -14.80 10.84 -7.49
N GLY A 174 -14.67 12.04 -6.98
CA GLY A 174 -14.89 13.25 -7.75
C GLY A 174 -13.62 13.73 -8.47
N PHE A 175 -13.79 14.26 -9.68
CA PHE A 175 -12.70 14.84 -10.45
C PHE A 175 -12.98 16.34 -10.64
N TYR A 176 -11.89 17.11 -10.46
CA TYR A 176 -11.91 18.58 -10.56
C TYR A 176 -10.67 18.99 -11.35
N GLU A 177 -10.82 20.05 -12.20
CA GLU A 177 -9.72 20.55 -13.00
C GLU A 177 -9.38 21.98 -12.59
N SER A 178 -8.11 22.34 -12.78
CA SER A 178 -7.66 23.70 -12.46
C SER A 178 -6.52 24.09 -13.38
N GLN A 179 -6.52 25.37 -13.85
CA GLN A 179 -5.33 25.89 -14.49
C GLN A 179 -4.22 26.33 -13.54
N ASN A 180 -4.53 26.62 -12.27
CA ASN A 180 -3.62 27.37 -11.43
C ASN A 180 -3.60 26.96 -9.96
N LEU A 181 -4.26 25.82 -9.62
CA LEU A 181 -4.28 25.22 -8.28
C LEU A 181 -5.22 25.95 -7.33
N LYS A 182 -5.77 27.11 -7.74
CA LYS A 182 -6.56 27.92 -6.83
C LYS A 182 -8.06 27.89 -7.13
N GLU A 183 -8.41 27.83 -8.40
CA GLU A 183 -9.79 27.83 -8.86
C GLU A 183 -10.06 26.50 -9.54
N TRP A 184 -11.04 25.77 -9.00
CA TRP A 184 -11.30 24.41 -9.41
C TRP A 184 -12.70 24.30 -9.99
N ARG A 185 -12.88 23.40 -10.95
CA ARG A 185 -14.16 23.14 -11.58
C ARG A 185 -14.40 21.63 -11.62
N TYR A 186 -15.58 21.20 -11.17
CA TYR A 186 -15.98 19.80 -11.23
C TYR A 186 -16.03 19.34 -12.67
N THR A 187 -15.51 18.14 -12.97
CA THR A 187 -15.62 17.59 -14.30
C THR A 187 -16.50 16.33 -14.32
N SER A 188 -16.36 15.38 -13.37
CA SER A 188 -17.12 14.15 -13.40
C SER A 188 -16.96 13.43 -12.06
N SER A 189 -17.72 12.34 -11.92
CA SER A 189 -17.58 11.46 -10.77
C SER A 189 -17.48 10.02 -11.28
N PHE A 190 -16.67 9.24 -10.59
CA PHE A 190 -16.52 7.80 -10.82
C PHE A 190 -17.22 7.07 -9.67
N GLN A 191 -18.38 6.46 -9.98
CA GLN A 191 -19.21 5.83 -8.95
C GLN A 191 -18.80 4.36 -8.72
N THR A 192 -18.40 4.03 -7.49
CA THR A 192 -18.02 2.65 -7.13
C THR A 192 -19.29 1.92 -6.68
N GLU A 193 -19.16 0.61 -6.57
CA GLU A 193 -20.31 -0.24 -6.25
C GLU A 193 -19.84 -1.34 -5.28
N ASN A 194 -20.50 -1.43 -4.13
CA ASN A 194 -20.34 -2.57 -3.23
C ASN A 194 -18.92 -2.69 -2.66
N ILE A 195 -18.19 -1.59 -2.50
CA ILE A 195 -16.89 -1.62 -1.84
C ILE A 195 -16.83 -0.55 -0.76
N GLY A 196 -17.98 -0.23 -0.13
CA GLY A 196 -18.02 0.65 1.01
C GLY A 196 -17.64 2.09 0.71
N ILE A 197 -17.12 2.77 1.75
CA ILE A 197 -16.65 4.15 1.63
C ILE A 197 -15.25 4.13 1.05
N ILE A 198 -15.03 5.01 0.06
CA ILE A 198 -13.77 5.21 -0.61
C ILE A 198 -12.97 6.32 0.09
N GLU A 199 -11.67 6.10 0.20
CA GLU A 199 -10.76 7.07 0.81
C GLU A 199 -9.46 7.08 0.04
N CYS A 200 -8.68 8.18 0.16
CA CYS A 200 -7.31 8.25 -0.37
C CYS A 200 -7.27 7.75 -1.81
N PRO A 201 -7.96 8.45 -2.75
CA PRO A 201 -7.83 8.09 -4.16
C PRO A 201 -6.45 8.41 -4.73
N ASP A 202 -6.14 7.70 -5.83
CA ASP A 202 -4.85 7.78 -6.50
C ASP A 202 -5.18 7.77 -8.01
N LEU A 203 -4.37 8.49 -8.80
CA LEU A 203 -4.53 8.55 -10.24
C LEU A 203 -3.15 8.68 -10.87
N PHE A 204 -2.76 7.77 -11.75
CA PHE A 204 -1.43 7.82 -12.33
C PHE A 204 -1.42 7.08 -13.66
N LYS A 205 -0.37 7.33 -14.43
CA LYS A 205 -0.15 6.72 -15.73
C LYS A 205 1.11 5.90 -15.70
N MET A 206 1.03 4.69 -16.30
CA MET A 206 2.19 3.81 -16.38
C MET A 206 2.27 3.21 -17.78
N ARG A 207 3.49 2.85 -18.17
CA ARG A 207 3.73 2.12 -19.39
C ARG A 207 3.89 0.66 -18.99
N ALA A 208 3.03 -0.19 -19.52
CA ALA A 208 3.11 -1.62 -19.31
C ALA A 208 4.26 -2.25 -20.08
N ASP A 209 4.56 -3.51 -19.75
CA ASP A 209 5.69 -4.20 -20.34
C ASP A 209 5.46 -4.47 -21.85
N ASP A 210 4.25 -4.29 -22.36
CA ASP A 210 4.00 -4.44 -23.79
C ASP A 210 4.23 -3.11 -24.53
N GLY A 211 4.54 -2.04 -23.82
CA GLY A 211 4.71 -0.71 -24.40
C GLY A 211 3.46 0.13 -24.50
N THR A 212 2.30 -0.38 -24.03
CA THR A 212 1.07 0.39 -23.91
C THR A 212 1.02 1.18 -22.61
N TYR A 213 0.69 2.48 -22.70
CA TYR A 213 0.36 3.30 -21.55
C TYR A 213 -1.08 3.04 -21.09
N LYS A 214 -1.26 2.85 -19.77
CA LYS A 214 -2.57 2.85 -19.19
C LYS A 214 -2.66 3.84 -18.03
N TRP A 215 -3.86 4.36 -17.79
CA TRP A 215 -4.08 5.05 -16.54
C TRP A 215 -4.59 4.02 -15.51
N VAL A 216 -4.34 4.34 -14.24
CA VAL A 216 -4.88 3.59 -13.10
C VAL A 216 -5.50 4.57 -12.12
N LEU A 217 -6.77 4.26 -11.81
CA LEU A 217 -7.50 4.92 -10.74
C LEU A 217 -7.48 3.94 -9.56
N GLY A 218 -7.04 4.41 -8.40
CA GLY A 218 -6.98 3.58 -7.19
C GLY A 218 -7.66 4.28 -6.04
N ALA A 219 -8.05 3.53 -5.00
CA ALA A 219 -8.56 4.11 -3.78
C ALA A 219 -8.59 3.05 -2.70
N SER A 220 -8.47 3.48 -1.45
CA SER A 220 -8.79 2.56 -0.36
C SER A 220 -10.30 2.38 -0.29
N ALA A 221 -10.72 1.15 0.13
CA ALA A 221 -12.12 0.78 0.04
C ALA A 221 -12.31 -0.40 1.00
N ASN A 222 -13.56 -0.83 1.09
CA ASN A 222 -13.90 -1.89 2.05
C ASN A 222 -14.96 -2.79 1.42
N GLY A 223 -14.43 -3.86 0.76
CA GLY A 223 -15.27 -4.85 0.14
C GLY A 223 -15.65 -6.05 1.02
N LYS A 224 -15.50 -5.93 2.33
CA LYS A 224 -15.70 -7.09 3.19
C LYS A 224 -17.11 -7.66 3.05
N GLY A 225 -18.13 -6.84 2.81
CA GLY A 225 -19.52 -7.28 2.67
C GLY A 225 -19.73 -8.23 1.48
N ALA A 226 -18.83 -8.21 0.50
CA ALA A 226 -18.84 -9.10 -0.64
C ALA A 226 -17.70 -10.11 -0.59
N GLY A 227 -17.01 -10.23 0.52
CA GLY A 227 -15.89 -11.12 0.67
C GLY A 227 -14.66 -10.64 -0.08
N LYS A 228 -14.58 -9.33 -0.34
CA LYS A 228 -13.40 -8.80 -1.03
C LYS A 228 -12.53 -8.06 -0.02
N PRO A 229 -11.32 -7.64 -0.39
CA PRO A 229 -10.45 -6.96 0.57
C PRO A 229 -10.91 -5.59 1.03
N ASN A 230 -10.20 -5.12 2.06
CA ASN A 230 -10.35 -3.80 2.65
C ASN A 230 -9.03 -3.06 2.47
N THR A 231 -8.46 -3.06 1.28
CA THR A 231 -7.14 -2.51 1.03
C THR A 231 -7.20 -1.39 -0.01
N TYR A 232 -6.65 -1.66 -1.18
CA TYR A 232 -6.54 -0.69 -2.27
C TYR A 232 -7.12 -1.28 -3.55
N ALA A 233 -8.28 -0.78 -3.93
CA ALA A 233 -8.96 -1.19 -5.16
C ALA A 233 -8.44 -0.37 -6.32
N TYR A 234 -8.33 -0.97 -7.50
CA TYR A 234 -7.87 -0.19 -8.61
C TYR A 234 -8.53 -0.68 -9.90
N TRP A 235 -8.61 0.28 -10.82
CA TRP A 235 -9.12 0.10 -12.18
C TRP A 235 -8.07 0.59 -13.17
N THR A 236 -7.51 -0.30 -13.96
CA THR A 236 -6.79 0.08 -15.17
C THR A 236 -7.81 0.65 -16.15
N GLY A 237 -7.38 1.68 -16.92
CA GLY A 237 -8.32 2.27 -17.86
C GLY A 237 -7.71 3.45 -18.60
N SER A 238 -8.59 4.39 -18.83
CA SER A 238 -8.25 5.57 -19.61
CA SER A 238 -8.35 5.56 -19.67
C SER A 238 -8.84 6.81 -18.95
N PHE A 239 -8.08 7.91 -19.04
CA PHE A 239 -8.45 9.17 -18.43
C PHE A 239 -8.23 10.25 -19.48
N ASN A 240 -9.26 11.07 -19.70
CA ASN A 240 -9.17 12.08 -20.77
C ASN A 240 -8.97 13.48 -20.25
N GLY A 241 -8.62 13.62 -18.96
CA GLY A 241 -8.59 14.94 -18.31
C GLY A 241 -9.87 15.31 -17.58
N ASN A 242 -11.00 14.64 -17.88
CA ASN A 242 -12.29 14.99 -17.31
C ASN A 242 -12.94 13.80 -16.57
N GLU A 243 -12.81 12.60 -17.16
CA GLU A 243 -13.47 11.43 -16.64
C GLU A 243 -12.61 10.20 -16.86
N PHE A 244 -12.83 9.22 -15.98
CA PHE A 244 -12.08 7.98 -15.97
C PHE A 244 -12.98 6.89 -16.53
N THR A 245 -12.48 6.16 -17.55
CA THR A 245 -13.21 5.04 -18.13
C THR A 245 -12.42 3.76 -17.80
N ALA A 246 -12.99 2.90 -16.93
CA ALA A 246 -12.36 1.65 -16.58
C ALA A 246 -12.42 0.61 -17.70
N ASP A 247 -11.37 -0.23 -17.73
CA ASP A 247 -11.34 -1.38 -18.61
C ASP A 247 -12.45 -2.37 -18.28
N GLU A 248 -12.72 -2.54 -16.97
CA GLU A 248 -13.75 -3.44 -16.45
C GLU A 248 -14.40 -2.82 -15.22
N ALA A 249 -15.66 -3.18 -14.93
CA ALA A 249 -16.38 -2.55 -13.85
C ALA A 249 -15.79 -2.99 -12.50
N GLU A 250 -15.41 -4.26 -12.39
CA GLU A 250 -14.94 -4.77 -11.11
C GLU A 250 -13.50 -4.38 -10.90
N PRO A 251 -13.12 -3.82 -9.72
CA PRO A 251 -11.72 -3.48 -9.44
C PRO A 251 -10.85 -4.71 -9.25
N GLN A 252 -9.55 -4.54 -9.46
CA GLN A 252 -8.51 -5.41 -8.95
C GLN A 252 -8.08 -4.85 -7.59
N TRP A 253 -7.37 -5.68 -6.80
CA TRP A 253 -6.90 -5.25 -5.48
C TRP A 253 -5.40 -5.38 -5.41
N LEU A 254 -4.73 -4.33 -4.95
CA LEU A 254 -3.30 -4.28 -4.86
C LEU A 254 -2.73 -5.13 -3.70
N ASP A 255 -3.59 -5.49 -2.76
CA ASP A 255 -3.27 -6.38 -1.66
C ASP A 255 -4.52 -7.13 -1.27
N HIS A 256 -4.33 -8.41 -0.90
CA HIS A 256 -5.43 -9.26 -0.48
C HIS A 256 -5.32 -9.66 0.99
N GLY A 257 -4.29 -9.18 1.67
CA GLY A 257 -4.17 -9.28 3.13
C GLY A 257 -5.24 -8.45 3.83
N PHE A 258 -5.25 -8.62 5.17
CA PHE A 258 -6.15 -7.83 6.01
C PHE A 258 -5.69 -6.39 6.26
N ASP A 259 -4.39 -6.11 6.13
CA ASP A 259 -3.74 -4.93 6.69
C ASP A 259 -2.90 -4.21 5.63
N TRP A 260 -3.58 -3.38 4.81
CA TRP A 260 -2.87 -2.55 3.82
C TRP A 260 -3.80 -1.41 3.42
N TYR A 261 -3.96 -0.43 4.33
CA TYR A 261 -4.99 0.59 4.19
C TYR A 261 -4.37 1.99 3.95
N ALA A 262 -5.12 2.85 3.27
CA ALA A 262 -4.62 4.22 3.01
C ALA A 262 -3.35 4.14 2.17
N GLY A 263 -3.26 3.17 1.25
CA GLY A 263 -2.13 3.01 0.39
C GLY A 263 -1.92 4.24 -0.51
N VAL A 264 -0.62 4.52 -0.72
CA VAL A 264 -0.19 5.62 -1.58
C VAL A 264 0.88 5.12 -2.53
N THR A 265 0.87 5.66 -3.74
CA THR A 265 1.91 5.37 -4.72
C THR A 265 2.65 6.67 -5.00
N PHE A 266 3.92 6.55 -5.32
CA PHE A 266 4.68 7.77 -5.60
C PHE A 266 5.75 7.46 -6.62
N GLU A 267 6.29 8.54 -7.21
CA GLU A 267 7.21 8.39 -8.32
C GLU A 267 8.57 7.96 -7.80
N ASP A 268 9.27 7.24 -8.70
CA ASP A 268 10.65 6.86 -8.54
C ASP A 268 11.51 8.06 -8.99
N GLY A 269 12.27 8.64 -8.05
CA GLY A 269 13.03 9.84 -8.36
C GLY A 269 14.35 9.53 -9.09
N GLU A 270 14.88 8.30 -9.01
CA GLU A 270 16.20 8.01 -9.54
C GLU A 270 16.07 7.43 -10.95
N THR A 271 15.29 8.12 -11.80
CA THR A 271 15.09 7.76 -13.20
C THR A 271 15.06 9.06 -13.99
N SER A 274 9.94 7.40 -15.07
CA SER A 274 8.80 7.54 -14.10
C SER A 274 7.59 6.67 -14.50
N TYR A 275 7.50 6.29 -15.79
CA TYR A 275 6.34 5.53 -16.25
C TYR A 275 6.48 4.02 -16.08
N GLU A 276 7.69 3.52 -15.86
CA GLU A 276 7.91 2.08 -15.88
C GLU A 276 7.68 1.47 -14.51
N LYS A 277 7.93 2.25 -13.45
CA LYS A 277 7.86 1.73 -12.08
C LYS A 277 7.41 2.84 -11.15
N ARG A 278 6.66 2.49 -10.10
CA ARG A 278 6.33 3.41 -9.03
C ARG A 278 6.61 2.68 -7.71
N TYR A 279 6.67 3.42 -6.63
CA TYR A 279 6.74 2.88 -5.29
C TYR A 279 5.38 3.01 -4.60
N ALA A 280 5.18 2.13 -3.59
CA ALA A 280 3.94 2.23 -2.81
C ALA A 280 4.14 1.76 -1.40
N LEU A 281 3.30 2.27 -0.50
CA LEU A 281 3.25 1.71 0.84
C LEU A 281 1.90 2.05 1.46
N ALA A 282 1.58 1.37 2.57
CA ALA A 282 0.28 1.58 3.20
C ALA A 282 0.45 1.37 4.70
N TRP A 283 -0.64 1.55 5.42
CA TRP A 283 -0.74 1.48 6.86
C TRP A 283 -1.36 0.14 7.24
N MET A 284 -0.84 -0.38 8.33
CA MET A 284 -1.27 -1.67 8.89
C MET A 284 -1.79 -1.36 10.28
N ASN A 285 -3.12 -1.35 10.42
CA ASN A 285 -3.78 -0.69 11.52
C ASN A 285 -4.11 -1.73 12.60
N ASN A 286 -3.45 -1.65 13.75
CA ASN A 286 -3.71 -2.50 14.90
C ASN A 286 -4.86 -1.97 15.77
N TRP A 287 -4.93 -0.66 16.01
CA TRP A 287 -5.94 -0.11 16.90
C TRP A 287 -7.35 -0.33 16.36
N ASP A 288 -7.53 -0.36 15.03
CA ASP A 288 -8.86 -0.48 14.49
C ASP A 288 -9.50 -1.86 14.74
N TYR A 289 -8.68 -2.85 15.17
CA TYR A 289 -9.27 -4.11 15.55
C TYR A 289 -9.87 -4.13 16.97
N ALA A 290 -9.66 -3.10 17.78
CA ALA A 290 -10.17 -3.10 19.17
C ALA A 290 -11.68 -3.33 19.15
N ASN A 291 -12.18 -4.24 19.99
CA ASN A 291 -13.58 -4.57 19.98
C ASN A 291 -14.05 -4.82 21.41
N ARG A 292 -13.73 -3.88 22.28
CA ARG A 292 -14.25 -3.89 23.65
C ARG A 292 -14.95 -2.55 23.89
N THR A 293 -15.73 -2.46 24.97
CA THR A 293 -16.46 -1.25 25.25
C THR A 293 -15.51 -0.16 25.79
N PRO A 294 -14.60 -0.46 26.74
CA PRO A 294 -13.65 0.56 27.24
C PRO A 294 -12.78 1.07 26.09
N THR A 295 -12.40 2.37 26.10
CA THR A 295 -11.71 2.92 24.94
C THR A 295 -10.19 2.89 25.09
N TRP A 296 -9.63 2.41 26.19
CA TRP A 296 -8.17 2.36 26.28
C TRP A 296 -7.60 1.58 25.09
N LYS A 297 -6.36 1.92 24.66
CA LYS A 297 -5.68 1.08 23.68
C LYS A 297 -4.19 0.98 23.99
N ASP A 298 -3.55 -0.11 23.56
CA ASP A 298 -2.12 -0.31 23.80
C ASP A 298 -1.31 0.76 23.05
N ASN A 299 0.01 0.76 23.25
CA ASN A 299 0.89 1.72 22.61
C ASN A 299 1.09 1.46 21.11
N PHE A 300 0.73 0.25 20.61
CA PHE A 300 1.00 -0.08 19.22
C PHE A 300 -0.19 0.27 18.34
N ASN A 301 -0.19 1.46 17.73
CA ASN A 301 -1.31 1.89 16.92
C ASN A 301 -1.36 1.14 15.57
N GLY A 302 -0.20 0.83 15.05
CA GLY A 302 -0.03 0.18 13.77
C GLY A 302 1.39 0.42 13.25
N THR A 303 1.64 0.09 11.98
CA THR A 303 2.97 0.24 11.42
C THR A 303 2.80 0.46 9.93
N ASP A 304 3.74 1.17 9.32
CA ASP A 304 3.82 1.16 7.87
C ASP A 304 4.17 -0.24 7.36
N SER A 305 3.63 -0.59 6.19
CA SER A 305 4.12 -1.72 5.41
C SER A 305 5.54 -1.46 4.96
N ILE A 306 6.20 -2.47 4.41
CA ILE A 306 7.40 -2.20 3.61
C ILE A 306 7.03 -1.37 2.36
N VAL A 307 8.04 -0.71 1.79
CA VAL A 307 7.86 -0.10 0.49
C VAL A 307 7.99 -1.21 -0.56
N ARG A 308 7.02 -1.19 -1.49
CA ARG A 308 7.06 -2.04 -2.65
C ARG A 308 7.30 -1.20 -3.90
N GLN A 309 7.81 -1.86 -4.93
CA GLN A 309 7.81 -1.38 -6.30
C GLN A 309 6.63 -2.02 -7.03
N ILE A 310 5.98 -1.25 -7.88
CA ILE A 310 4.88 -1.70 -8.69
C ILE A 310 5.19 -1.43 -10.15
N GLN A 311 4.84 -2.42 -10.96
CA GLN A 311 4.96 -2.33 -12.41
C GLN A 311 3.65 -2.76 -13.04
N LEU A 312 3.41 -2.35 -14.29
CA LEU A 312 2.17 -2.69 -14.93
C LEU A 312 2.42 -3.79 -15.95
N LYS A 313 1.75 -4.93 -15.76
CA LYS A 313 1.98 -6.10 -16.58
C LYS A 313 0.80 -6.36 -17.51
N HIS A 314 1.11 -6.63 -18.78
CA HIS A 314 0.10 -7.09 -19.72
C HIS A 314 -0.10 -8.59 -19.49
N LYS A 315 -1.35 -9.00 -19.35
CA LYS A 315 -1.67 -10.39 -19.02
C LYS A 315 -2.38 -11.04 -20.20
N GLY A 316 -2.33 -10.39 -21.37
CA GLY A 316 -2.96 -10.91 -22.59
C GLY A 316 -4.27 -10.19 -22.87
N GLY A 317 -4.58 -9.95 -24.16
CA GLY A 317 -5.77 -9.18 -24.49
C GLY A 317 -5.69 -7.73 -24.01
N ASN A 318 -6.83 -7.15 -23.58
CA ASN A 318 -6.85 -5.84 -22.93
C ASN A 318 -6.82 -6.08 -21.41
N GLN A 319 -6.08 -7.10 -20.93
CA GLN A 319 -5.99 -7.35 -19.49
C GLN A 319 -4.65 -6.82 -18.97
N TYR A 320 -4.67 -5.92 -18.00
CA TYR A 320 -3.46 -5.45 -17.34
C TYR A 320 -3.62 -5.56 -15.82
N SER A 321 -2.51 -5.80 -15.12
CA SER A 321 -2.50 -5.89 -13.66
C SER A 321 -1.23 -5.26 -13.12
N LEU A 322 -1.32 -4.67 -11.92
CA LEU A 322 -0.16 -4.21 -11.22
C LEU A 322 0.52 -5.38 -10.52
N ALA A 323 1.85 -5.42 -10.62
CA ALA A 323 2.65 -6.45 -10.00
C ALA A 323 3.58 -5.79 -8.99
N SER A 324 3.66 -6.37 -7.81
CA SER A 324 4.31 -5.81 -6.66
C SER A 324 5.51 -6.66 -6.24
N HIS A 325 6.55 -6.01 -5.74
CA HIS A 325 7.70 -6.70 -5.18
C HIS A 325 8.36 -5.80 -4.14
N PRO A 326 8.99 -6.31 -3.07
CA PRO A 326 9.73 -5.44 -2.14
C PRO A 326 10.77 -4.59 -2.86
N ILE A 327 10.95 -3.35 -2.41
CA ILE A 327 11.99 -2.52 -3.00
C ILE A 327 13.35 -3.21 -2.87
N ASP A 328 14.19 -2.99 -3.89
CA ASP A 328 15.51 -3.61 -3.93
C ASP A 328 16.44 -3.01 -2.86
N GLN A 329 16.28 -1.75 -2.50
CA GLN A 329 16.97 -1.14 -1.37
C GLN A 329 17.02 -2.09 -0.18
N LEU A 330 16.04 -3.00 -0.04
CA LEU A 330 15.90 -3.77 1.19
C LEU A 330 17.08 -4.74 1.34
N ASP A 331 17.80 -5.03 0.25
CA ASP A 331 18.87 -6.03 0.30
C ASP A 331 20.11 -5.55 1.06
N GLU A 332 20.18 -4.24 1.35
CA GLU A 332 21.27 -3.59 2.10
C GLU A 332 21.07 -3.80 3.61
N LEU A 333 19.94 -4.42 3.95
CA LEU A 333 19.68 -4.81 5.30
C LEU A 333 20.10 -6.26 5.56
N THR A 334 20.61 -6.96 4.55
CA THR A 334 20.91 -8.38 4.66
C THR A 334 22.10 -8.54 5.59
N GLU A 335 21.91 -9.32 6.68
CA GLU A 335 23.00 -9.65 7.61
C GLU A 335 23.71 -10.94 7.19
N SER A 336 22.96 -11.97 6.80
CA SER A 336 23.50 -13.23 6.33
C SER A 336 22.41 -13.96 5.54
N THR A 337 22.81 -15.04 4.86
CA THR A 337 21.93 -15.80 3.99
C THR A 337 22.09 -17.29 4.26
N ASP A 338 20.97 -18.02 4.33
CA ASP A 338 20.94 -19.48 4.38
C ASP A 338 20.26 -19.99 3.11
N GLU A 339 20.96 -20.89 2.39
CA GLU A 339 20.48 -21.45 1.14
C GLU A 339 20.27 -22.95 1.33
N PHE A 340 19.26 -23.50 0.63
CA PHE A 340 18.89 -24.90 0.83
C PHE A 340 18.88 -25.61 -0.50
N GLU A 341 19.28 -26.90 -0.44
CA GLU A 341 19.17 -27.81 -1.55
C GLU A 341 17.68 -28.06 -1.87
N ARG A 342 17.42 -28.59 -3.03
CA ARG A 342 16.11 -29.10 -3.38
C ARG A 342 15.59 -30.03 -2.28
N ILE A 343 14.32 -29.80 -1.86
CA ILE A 343 13.72 -30.54 -0.75
C ILE A 343 12.40 -31.11 -1.21
N GLU A 344 12.21 -32.45 -1.15
CA GLU A 344 10.90 -33.04 -1.33
C GLU A 344 10.16 -33.12 0.01
N VAL A 345 8.88 -32.74 0.03
CA VAL A 345 8.13 -32.66 1.26
C VAL A 345 6.84 -33.44 1.13
N ASN A 346 6.57 -34.28 2.13
CA ASN A 346 5.25 -34.90 2.25
C ASN A 346 4.78 -34.79 3.70
N GLY A 347 3.89 -33.82 3.92
CA GLY A 347 3.44 -33.54 5.27
C GLY A 347 4.23 -32.39 5.87
N SER A 348 5.46 -32.69 6.30
CA SER A 348 6.29 -31.74 7.00
C SER A 348 7.76 -31.94 6.65
N LYS A 349 8.51 -30.84 6.63
CA LYS A 349 9.96 -30.88 6.72
C LYS A 349 10.43 -29.68 7.53
N THR A 350 11.07 -29.94 8.67
CA THR A 350 11.53 -28.87 9.53
C THR A 350 12.93 -28.43 9.11
N LEU A 351 13.11 -27.13 8.89
CA LEU A 351 14.44 -26.60 8.59
C LEU A 351 15.27 -26.45 9.86
N GLN A 352 16.59 -26.69 9.74
CA GLN A 352 17.52 -26.44 10.83
C GLN A 352 17.98 -24.99 10.73
N ILE A 353 17.19 -24.09 11.31
CA ILE A 353 17.39 -22.66 11.17
C ILE A 353 16.66 -21.95 12.29
N LYS A 354 17.17 -20.78 12.63
CA LYS A 354 16.51 -19.80 13.48
C LYS A 354 16.42 -18.51 12.68
N ALA A 355 15.19 -17.99 12.51
CA ALA A 355 14.91 -16.83 11.67
C ALA A 355 13.83 -16.00 12.34
N ASN A 356 14.10 -14.69 12.55
CA ASN A 356 13.11 -13.81 13.15
C ASN A 356 12.64 -12.73 12.17
N THR A 357 13.57 -11.94 11.67
CA THR A 357 13.34 -10.91 10.66
C THR A 357 14.11 -11.26 9.40
N TYR A 358 13.39 -11.47 8.27
CA TYR A 358 13.99 -12.05 7.11
C TYR A 358 13.11 -11.94 5.86
N GLN A 359 13.76 -12.12 4.72
CA GLN A 359 13.14 -12.37 3.44
C GLN A 359 13.36 -13.84 3.12
N LEU A 360 12.24 -14.57 2.87
CA LEU A 360 12.28 -15.94 2.39
C LEU A 360 11.93 -15.93 0.92
N GLU A 361 12.67 -16.69 0.11
CA GLU A 361 12.31 -16.89 -1.28
C GLU A 361 12.32 -18.40 -1.57
N ALA A 362 11.42 -18.86 -2.43
CA ALA A 362 11.38 -20.27 -2.80
C ALA A 362 10.51 -20.46 -4.03
N ASP A 363 10.83 -21.51 -4.78
CA ASP A 363 10.00 -22.07 -5.83
C ASP A 363 9.44 -23.39 -5.30
N ILE A 364 8.17 -23.62 -5.57
CA ILE A 364 7.53 -24.86 -5.17
C ILE A 364 6.86 -25.43 -6.40
N SER A 365 6.82 -26.77 -6.54
CA SER A 365 6.03 -27.39 -7.57
C SER A 365 5.38 -28.64 -7.00
N TRP A 366 4.28 -29.07 -7.62
CA TRP A 366 3.56 -30.23 -7.12
C TRP A 366 2.70 -30.85 -8.21
N ALA A 367 1.91 -31.86 -7.79
CA ALA A 367 0.98 -32.60 -8.66
C ALA A 367 -0.45 -32.51 -8.11
N ASP A 368 -0.91 -33.48 -7.28
CA ASP A 368 -2.30 -33.58 -6.90
C ASP A 368 -2.66 -33.19 -5.46
N LEU A 369 -1.78 -32.49 -4.76
CA LEU A 369 -1.97 -32.21 -3.34
C LEU A 369 -3.18 -31.28 -3.12
N LYS A 370 -3.56 -31.14 -1.85
CA LYS A 370 -4.62 -30.25 -1.40
C LYS A 370 -4.04 -28.84 -1.13
N ASN A 371 -2.96 -28.76 -0.34
CA ASN A 371 -2.32 -27.49 -0.03
C ASN A 371 -0.86 -27.69 0.27
N VAL A 372 -0.13 -26.57 0.24
CA VAL A 372 1.30 -26.57 0.36
C VAL A 372 1.71 -25.22 0.91
N GLY A 373 2.78 -25.17 1.69
CA GLY A 373 3.31 -23.86 2.07
C GLY A 373 4.35 -23.92 3.18
N PHE A 374 4.40 -22.84 3.94
CA PHE A 374 5.38 -22.64 4.98
C PHE A 374 4.74 -22.32 6.31
N ARG A 375 5.24 -22.94 7.38
CA ARG A 375 4.97 -22.55 8.76
C ARG A 375 6.15 -21.74 9.23
N LEU A 376 5.94 -20.43 9.37
CA LEU A 376 6.99 -19.48 9.69
C LEU A 376 6.88 -19.08 11.18
N ARG A 377 7.97 -18.58 11.78
CA ARG A 377 7.96 -18.18 13.18
C ARG A 377 7.35 -19.27 14.05
N GLU A 378 7.87 -20.48 13.85
CA GLU A 378 7.31 -21.66 14.49
C GLU A 378 7.96 -21.88 15.86
N SER A 379 7.11 -22.15 16.83
CA SER A 379 7.58 -22.45 18.16
C SER A 379 8.22 -23.85 18.22
N ALA A 380 9.01 -24.08 19.28
CA ALA A 380 9.74 -25.36 19.39
C ALA A 380 8.78 -26.54 19.58
N ASP A 381 7.67 -26.28 20.25
CA ASP A 381 6.64 -27.29 20.45
C ASP A 381 5.70 -27.39 19.26
N ARG A 382 5.88 -26.52 18.26
CA ARG A 382 5.22 -26.58 16.97
C ARG A 382 3.74 -26.14 17.07
N LYS A 383 3.34 -25.56 18.18
CA LYS A 383 1.95 -25.16 18.36
C LYS A 383 1.66 -23.75 17.84
N ARG A 384 2.67 -22.91 17.75
CA ARG A 384 2.53 -21.54 17.25
C ARG A 384 3.30 -21.43 15.94
N HIS A 385 2.71 -20.74 14.96
CA HIS A 385 3.29 -20.59 13.65
C HIS A 385 2.39 -19.62 12.85
N ILE A 386 2.95 -19.13 11.76
CA ILE A 386 2.27 -18.30 10.76
C ILE A 386 2.28 -19.08 9.46
N ASP A 387 1.13 -19.36 8.86
CA ASP A 387 1.10 -20.22 7.67
C ASP A 387 0.88 -19.41 6.37
N VAL A 388 1.77 -19.60 5.41
CA VAL A 388 1.68 -18.99 4.09
C VAL A 388 1.69 -20.10 3.05
N GLY A 389 0.72 -20.10 2.12
CA GLY A 389 0.74 -21.20 1.18
C GLY A 389 -0.32 -21.05 0.11
N ILE A 390 -0.47 -22.16 -0.63
CA ILE A 390 -1.41 -22.30 -1.71
C ILE A 390 -2.39 -23.42 -1.37
N SER A 391 -3.68 -23.13 -1.53
CA SER A 391 -4.72 -24.14 -1.53
C SER A 391 -5.03 -24.49 -2.99
N ALA A 392 -4.46 -25.64 -3.42
CA ALA A 392 -4.73 -26.12 -4.76
C ALA A 392 -6.18 -26.56 -4.85
N GLU A 393 -6.73 -27.17 -3.79
CA GLU A 393 -8.09 -27.63 -3.79
C GLU A 393 -9.10 -26.46 -3.84
N GLY A 394 -8.77 -25.39 -3.13
CA GLY A 394 -9.68 -24.26 -3.02
C GLY A 394 -9.48 -23.20 -4.09
N GLY A 395 -8.37 -23.23 -4.79
CA GLY A 395 -8.05 -22.21 -5.78
C GLY A 395 -7.72 -20.85 -5.16
N TYR A 396 -6.87 -20.81 -4.13
CA TYR A 396 -6.50 -19.54 -3.54
C TYR A 396 -5.14 -19.64 -2.87
N SER A 397 -4.45 -18.52 -2.75
CA SER A 397 -3.30 -18.37 -1.87
C SER A 397 -3.81 -17.87 -0.52
N PHE A 398 -3.07 -18.15 0.55
CA PHE A 398 -3.54 -17.82 1.90
C PHE A 398 -2.37 -17.45 2.80
N VAL A 399 -2.73 -16.63 3.81
CA VAL A 399 -1.90 -16.41 4.97
C VAL A 399 -2.77 -16.55 6.20
N ASN A 400 -2.43 -17.51 7.07
CA ASN A 400 -3.24 -17.79 8.23
C ASN A 400 -2.47 -17.39 9.48
N ARG A 401 -3.06 -16.50 10.30
CA ARG A 401 -2.45 -16.04 11.54
C ARG A 401 -3.22 -16.58 12.75
N GLY A 402 -4.09 -17.56 12.57
CA GLY A 402 -4.85 -18.14 13.66
C GLY A 402 -4.03 -18.94 14.68
N PHE A 403 -2.78 -19.31 14.36
CA PHE A 403 -1.96 -20.04 15.32
C PHE A 403 -0.83 -19.18 15.88
N THR A 404 -0.94 -17.83 15.77
CA THR A 404 0.10 -16.96 16.32
C THR A 404 -0.61 -15.79 17.03
N GLY A 405 0.18 -14.85 17.54
CA GLY A 405 -0.43 -13.63 18.05
C GLY A 405 -1.10 -12.87 16.89
N GLN A 406 -2.32 -12.38 17.13
CA GLN A 406 -3.03 -11.69 16.06
C GLN A 406 -4.04 -10.72 16.67
N PRO A 407 -4.42 -9.67 15.93
CA PRO A 407 -5.09 -8.53 16.56
C PRO A 407 -6.59 -8.63 16.83
N ASP A 408 -7.29 -9.60 16.24
CA ASP A 408 -8.73 -9.65 16.28
C ASP A 408 -9.23 -10.55 17.42
N SER A 409 -9.79 -9.94 18.50
CA SER A 409 -10.32 -10.72 19.62
C SER A 409 -11.50 -11.62 19.24
N THR A 410 -12.20 -11.32 18.13
CA THR A 410 -13.33 -12.14 17.66
C THR A 410 -12.90 -13.32 16.79
N ARG A 411 -11.65 -13.35 16.34
CA ARG A 411 -11.14 -14.44 15.51
C ARG A 411 -11.91 -14.56 14.22
N THR A 412 -12.32 -13.41 13.67
CA THR A 412 -12.92 -13.35 12.36
C THR A 412 -11.83 -13.27 11.28
N TYR A 413 -10.89 -12.35 11.43
CA TYR A 413 -9.88 -12.04 10.43
C TYR A 413 -8.61 -12.84 10.67
N LEU A 414 -8.66 -14.15 10.36
CA LEU A 414 -7.53 -15.05 10.60
C LEU A 414 -6.78 -15.46 9.34
N GLU A 415 -7.48 -15.70 8.25
CA GLU A 415 -6.84 -16.24 7.05
C GLU A 415 -7.23 -15.41 5.83
N SER A 416 -6.24 -14.66 5.33
CA SER A 416 -6.51 -13.89 4.11
C SER A 416 -6.37 -14.83 2.93
N LYS A 417 -7.13 -14.55 1.85
CA LYS A 417 -7.25 -15.42 0.70
C LYS A 417 -7.25 -14.57 -0.58
N ALA A 418 -6.58 -15.07 -1.61
CA ALA A 418 -6.59 -14.43 -2.92
C ALA A 418 -6.71 -15.49 -4.02
N PRO A 419 -7.40 -15.23 -5.15
CA PRO A 419 -7.51 -16.23 -6.19
C PRO A 419 -6.15 -16.73 -6.65
N PHE A 420 -6.10 -18.05 -6.89
CA PHE A 420 -4.94 -18.74 -7.43
C PHE A 420 -5.47 -19.87 -8.31
N ASP A 421 -4.97 -19.95 -9.55
CA ASP A 421 -5.53 -20.89 -10.50
C ASP A 421 -5.22 -22.30 -9.99
N PRO A 422 -6.23 -23.17 -9.77
CA PRO A 422 -5.95 -24.52 -9.25
C PRO A 422 -5.20 -25.41 -10.24
N GLU A 423 -5.18 -25.00 -11.52
CA GLU A 423 -4.45 -25.74 -12.55
C GLU A 423 -2.96 -25.38 -12.57
N LYS A 424 -2.56 -24.31 -11.87
CA LYS A 424 -1.18 -23.92 -11.87
C LYS A 424 -0.52 -24.69 -10.74
N LYS A 425 0.51 -25.47 -11.05
CA LYS A 425 1.05 -26.39 -10.04
C LYS A 425 2.49 -26.04 -9.72
N ARG A 426 2.82 -24.76 -9.76
CA ARG A 426 4.07 -24.23 -9.34
C ARG A 426 3.82 -22.78 -8.90
N VAL A 427 4.66 -22.31 -8.00
CA VAL A 427 4.57 -20.95 -7.48
C VAL A 427 5.94 -20.53 -6.99
N HIS A 428 6.19 -19.20 -7.02
CA HIS A 428 7.32 -18.59 -6.39
C HIS A 428 6.78 -17.70 -5.27
N PHE A 429 7.38 -17.83 -4.08
CA PHE A 429 7.10 -16.92 -2.96
C PHE A 429 8.29 -16.04 -2.62
N THR A 430 7.99 -14.76 -2.31
CA THR A 430 8.89 -13.86 -1.63
C THR A 430 8.14 -13.37 -0.39
N ILE A 431 8.66 -13.68 0.81
CA ILE A 431 7.96 -13.37 2.05
C ILE A 431 8.85 -12.56 2.96
N ILE A 432 8.37 -11.37 3.37
CA ILE A 432 9.07 -10.59 4.39
C ILE A 432 8.41 -10.78 5.76
N VAL A 433 9.19 -11.30 6.70
CA VAL A 433 8.77 -11.55 8.06
C VAL A 433 9.48 -10.57 8.98
N ASP A 434 8.71 -9.95 9.86
CA ASP A 434 9.25 -9.06 10.88
C ASP A 434 8.45 -9.27 12.16
N GLN A 435 8.82 -8.55 13.22
CA GLN A 435 8.24 -8.78 14.53
C GLN A 435 6.73 -8.65 14.56
N ASN A 436 6.13 -7.71 13.77
CA ASN A 436 4.71 -7.45 13.87
C ASN A 436 3.97 -7.66 12.55
N THR A 437 4.65 -8.19 11.53
CA THR A 437 4.07 -8.20 10.18
C THR A 437 4.59 -9.38 9.40
N VAL A 438 3.79 -9.85 8.42
CA VAL A 438 4.20 -10.78 7.39
C VAL A 438 3.65 -10.21 6.07
N GLU A 439 4.52 -10.12 5.08
CA GLU A 439 4.15 -9.57 3.77
C GLU A 439 4.56 -10.55 2.69
N ALA A 440 3.59 -11.19 2.03
CA ALA A 440 3.84 -12.26 1.08
C ALA A 440 3.49 -11.85 -0.34
N PHE A 441 4.48 -12.03 -1.22
CA PHE A 441 4.37 -11.66 -2.62
C PHE A 441 4.39 -12.95 -3.43
N ILE A 442 3.35 -13.19 -4.24
CA ILE A 442 3.21 -14.43 -4.99
C ILE A 442 3.57 -14.21 -6.45
N ASP A 443 4.49 -15.02 -6.97
CA ASP A 443 4.95 -14.93 -8.35
C ASP A 443 5.49 -13.52 -8.59
N ASP A 444 5.04 -12.86 -9.66
CA ASP A 444 5.46 -11.48 -9.93
C ASP A 444 4.74 -10.46 -9.06
N GLY A 445 3.76 -10.92 -8.29
CA GLY A 445 3.23 -10.06 -7.25
C GLY A 445 1.95 -9.35 -7.71
N GLU A 446 1.22 -9.93 -8.68
CA GLU A 446 -0.14 -9.48 -8.94
C GLU A 446 -0.99 -9.66 -7.68
N THR A 447 -0.76 -10.76 -6.96
CA THR A 447 -1.37 -10.94 -5.65
C THR A 447 -0.26 -10.89 -4.59
N THR A 448 -0.55 -10.09 -3.55
CA THR A 448 0.28 -9.90 -2.38
C THR A 448 -0.67 -9.95 -1.19
N HIS A 449 -0.18 -10.47 -0.06
CA HIS A 449 -0.91 -10.42 1.20
C HIS A 449 -0.05 -9.72 2.24
N SER A 450 -0.60 -8.65 2.85
CA SER A 450 0.05 -7.97 3.96
C SER A 450 -0.83 -8.13 5.19
N ASN A 451 -0.24 -8.63 6.27
CA ASN A 451 -0.95 -8.93 7.52
C ASN A 451 -0.14 -8.62 8.78
N LEU A 452 -0.80 -8.04 9.77
CA LEU A 452 -0.25 -7.97 11.11
C LEU A 452 -0.21 -9.41 11.67
N ALA A 453 0.87 -9.72 12.40
CA ALA A 453 1.06 -11.03 13.04
C ALA A 453 2.12 -10.82 14.12
N PHE A 454 1.88 -11.41 15.29
CA PHE A 454 2.67 -11.07 16.48
C PHE A 454 3.24 -12.34 17.11
N PRO A 455 4.26 -12.94 16.46
CA PRO A 455 4.91 -14.15 16.99
C PRO A 455 5.67 -13.85 18.28
N ASP A 456 5.83 -14.86 19.12
CA ASP A 456 6.72 -14.65 20.28
C ASP A 456 8.17 -14.49 19.79
N LEU A 457 8.97 -13.76 20.58
CA LEU A 457 10.37 -13.51 20.26
C LEU A 457 11.16 -14.80 20.06
N ASN A 458 10.85 -15.85 20.80
CA ASN A 458 11.62 -17.09 20.68
C ASN A 458 11.00 -18.11 19.72
N ASP A 459 9.96 -17.71 18.94
CA ASP A 459 9.34 -18.59 17.96
C ASP A 459 9.97 -18.28 16.60
N THR A 460 11.01 -19.03 16.25
CA THR A 460 11.92 -18.66 15.16
C THR A 460 12.15 -19.80 14.19
N GLY A 461 11.41 -20.89 14.29
CA GLY A 461 11.60 -22.01 13.39
C GLY A 461 10.90 -21.81 12.06
N ILE A 462 11.22 -22.70 11.12
CA ILE A 462 10.52 -22.82 9.85
C ILE A 462 10.34 -24.30 9.52
N THR A 463 9.08 -24.66 9.22
CA THR A 463 8.73 -25.98 8.73
C THR A 463 7.96 -25.82 7.41
N LEU A 464 8.36 -26.58 6.41
CA LEU A 464 7.63 -26.68 5.17
C LEU A 464 6.48 -27.68 5.31
N PHE A 465 5.37 -27.46 4.59
CA PHE A 465 4.27 -28.38 4.77
C PHE A 465 3.54 -28.69 3.46
N THR A 466 2.88 -29.86 3.41
CA THR A 466 1.91 -30.20 2.40
C THR A 466 0.77 -30.93 3.06
N GLU A 467 -0.34 -31.04 2.35
CA GLU A 467 -1.47 -31.84 2.74
C GLU A 467 -1.96 -32.63 1.54
N ASN A 468 -2.03 -33.95 1.70
CA ASN A 468 -2.50 -34.90 0.68
C ASN A 468 -1.62 -34.98 -0.56
N GLY A 469 -0.30 -34.85 -0.43
CA GLY A 469 0.55 -35.05 -1.59
C GLY A 469 1.91 -34.43 -1.38
N THR A 470 2.88 -34.87 -2.20
CA THR A 470 4.24 -34.41 -2.12
C THR A 470 4.47 -33.15 -2.97
N ALA A 471 5.32 -32.27 -2.50
CA ALA A 471 5.81 -31.11 -3.23
C ALA A 471 7.32 -31.06 -3.18
N VAL A 472 7.87 -30.31 -4.14
CA VAL A 472 9.30 -30.04 -4.18
C VAL A 472 9.55 -28.55 -4.02
N PHE A 473 10.36 -28.20 -3.03
CA PHE A 473 10.80 -26.85 -2.77
C PHE A 473 12.22 -26.70 -3.31
N GLU A 474 12.43 -25.69 -4.16
CA GLU A 474 13.73 -25.43 -4.79
C GLU A 474 14.12 -23.96 -4.63
N ASN A 475 15.43 -23.70 -4.67
CA ASN A 475 15.97 -22.35 -4.54
C ASN A 475 15.45 -21.66 -3.27
N LEU A 476 15.26 -22.42 -2.20
CA LEU A 476 14.88 -21.83 -0.92
C LEU A 476 16.06 -21.07 -0.32
N LYS A 477 15.84 -19.78 -0.05
CA LYS A 477 16.84 -18.92 0.54
C LYS A 477 16.22 -18.07 1.63
N ILE A 478 16.94 -17.95 2.75
CA ILE A 478 16.51 -17.07 3.81
C ILE A 478 17.55 -15.97 3.96
N LYS A 479 17.15 -14.72 3.72
CA LYS A 479 18.03 -13.57 3.92
C LYS A 479 17.64 -12.92 5.22
N HIS A 480 18.51 -13.08 6.23
CA HIS A 480 18.28 -12.50 7.54
C HIS A 480 18.47 -10.99 7.45
N LEU A 481 17.51 -10.20 7.95
CA LEU A 481 17.48 -8.75 7.73
C LEU A 481 17.55 -8.00 9.06
N ARG A 482 18.24 -6.85 9.11
CA ARG A 482 18.04 -5.92 10.21
C ARG A 482 16.67 -5.30 10.03
N SER A 483 15.92 -5.16 11.12
CA SER A 483 14.63 -4.51 11.05
C SER A 483 14.81 -2.99 11.15
N ILE A 484 14.22 -2.25 10.18
CA ILE A 484 14.16 -0.80 10.20
C ILE A 484 13.03 -0.31 11.09
N ARG A 485 11.90 -1.06 11.10
CA ARG A 485 10.63 -0.55 11.59
C ARG A 485 10.52 -0.71 13.12
CA CA B . -9.74 -2.76 8.28
CA CA C . -12.19 -0.06 9.55
N1 BCN D . -10.96 -4.72 9.41
C1 BCN D . -12.31 -4.67 8.90
C2 BCN D . -12.89 -3.26 8.70
O21 BCN D . -12.01 -2.32 8.84
O22 BCN D . -14.11 -3.15 8.45
C3 BCN D . -10.99 -4.40 10.86
C4 BCN D . -9.70 -3.81 11.35
O4 BCN D . -9.34 -2.61 10.61
C5 BCN D . -10.30 -6.01 9.17
C6 BCN D . -9.62 -6.05 7.84
O6 BCN D . -8.72 -4.91 7.77
N1 BCN E . -10.87 2.18 9.17
C1 BCN E . -9.44 1.95 9.02
C2 BCN E . -8.97 0.54 8.65
O21 BCN E . -9.89 -0.41 8.66
O22 BCN E . -7.79 0.41 8.31
C3 BCN E . -11.13 3.09 10.32
C4 BCN E . -12.51 2.98 10.84
O4 BCN E . -12.78 1.63 11.23
C5 BCN E . -11.46 2.70 7.91
C6 BCN E . -11.35 1.70 6.79
O6 BCN E . -12.11 0.54 7.11
C1 EDO F . 3.65 21.47 -13.49
O1 EDO F . 4.84 21.36 -14.22
C2 EDO F . 2.96 22.75 -13.86
O2 EDO F . 3.69 23.84 -13.35
C1 EDO G . -5.53 -8.66 -7.91
O1 EDO G . -6.94 -8.36 -7.77
C2 EDO G . -4.84 -8.62 -9.24
O2 EDO G . -5.67 -9.09 -10.26
#